data_6IG4
#
_entry.id   6IG4
#
_cell.length_a   109.069
_cell.length_b   116.538
_cell.length_c   108.548
_cell.angle_alpha   90.00
_cell.angle_beta   90.00
_cell.angle_gamma   90.00
#
_symmetry.space_group_name_H-M   'C 2 2 21'
#
loop_
_entity.id
_entity.type
_entity.pdbx_description
1 polymer 'Phosphatidate cytidylyltransferase, mitochondrial'
2 non-polymer tetracyanoplatinate(II)
3 non-polymer 'PLATINUM (II) ION'
4 water water
#
_entity_poly.entity_id   1
_entity_poly.type   'polypeptide(L)'
_entity_poly.pdbx_seq_one_letter_code
;MGSSHHHHHHSSGLVPRGSHMSHHAKCTVAQLLKQNLLTFENQRIQPEEELKENLTKVVNYFQAPIDVAVGYGSGVFRQA
GYSQKENPMIDFIFQVEDPVKWHKINLQQNPSHYSFVKNFGPGFVSTLQESFGTGVYYNTHVEVEGNIIKYGVTSKKDVY
EDLKNWNTMYLAGRFQKPVVILKGEDEFYKENSYNLSSALHVGLLMLADRFTEFDLYKTIVSLSYLGDIRMSFFAENPRK
VENIVSKQIAFFRKLYLPLLYAEPGVHFIESSEVLKSMDPSDNSRYLSFHQNITKDSISRLLNGLPLNLVKIL
;
_entity_poly.pdbx_strand_id   A,B
#
loop_
_chem_comp.id
_chem_comp.type
_chem_comp.name
_chem_comp.formula
3G0 non-polymer tetracyanoplatinate(II) 'C4 N4 Pt -2'
PT non-polymer 'PLATINUM (II) ION' 'Pt 2'
#
# COMPACT_ATOMS: atom_id res chain seq x y z
N CYS A 27 -11.79 -8.80 28.23
CA CYS A 27 -13.12 -8.93 28.82
C CYS A 27 -14.12 -9.44 27.79
N THR A 28 -14.90 -8.53 27.22
CA THR A 28 -15.88 -8.87 26.20
C THR A 28 -15.83 -7.87 25.05
N VAL A 29 -16.25 -8.33 23.88
CA VAL A 29 -16.27 -7.44 22.72
C VAL A 29 -17.25 -6.31 22.97
N ALA A 30 -18.39 -6.61 23.61
CA ALA A 30 -19.37 -5.56 23.92
C ALA A 30 -18.74 -4.40 24.68
N GLN A 31 -17.89 -4.69 25.68
CA GLN A 31 -17.19 -3.62 26.39
C GLN A 31 -16.41 -2.74 25.43
N LEU A 32 -15.74 -3.36 24.44
CA LEU A 32 -14.96 -2.59 23.47
C LEU A 32 -15.83 -1.63 22.67
N LEU A 33 -17.11 -1.95 22.48
CA LEU A 33 -18.00 -1.04 21.77
C LEU A 33 -18.41 0.15 22.59
N LYS A 34 -18.14 0.12 23.88
CA LYS A 34 -18.49 1.20 24.76
C LYS A 34 -17.36 2.23 24.97
N GLN A 35 -16.23 2.08 24.27
CA GLN A 35 -15.07 2.95 24.45
C GLN A 35 -15.36 4.37 23.97
N ASN A 36 -14.77 5.34 24.66
CA ASN A 36 -14.98 6.75 24.34
C ASN A 36 -13.95 7.20 23.29
N LEU A 37 -14.39 7.35 22.04
CA LEU A 37 -13.50 7.84 20.98
C LEU A 37 -12.96 9.21 21.29
N LEU A 38 -13.75 10.05 21.98
CA LEU A 38 -13.40 11.45 22.12
C LEU A 38 -12.24 11.65 23.08
N THR A 39 -11.95 10.66 23.92
CA THR A 39 -10.77 10.63 24.75
C THR A 39 -9.78 9.56 24.30
N PHE A 40 -9.93 9.06 23.06
CA PHE A 40 -8.96 8.16 22.42
C PHE A 40 -8.79 6.85 23.16
N GLU A 41 -9.88 6.40 23.80
CA GLU A 41 -9.80 5.20 24.63
C GLU A 41 -9.46 3.96 23.81
N ASN A 42 -9.83 3.95 22.52
CA ASN A 42 -9.49 2.81 21.67
C ASN A 42 -7.99 2.71 21.41
N GLN A 43 -7.21 3.79 21.56
CA GLN A 43 -5.77 3.74 21.37
C GLN A 43 -5.00 3.42 22.63
N ARG A 44 -5.68 3.26 23.78
CA ARG A 44 -4.99 3.25 25.06
C ARG A 44 -4.53 1.84 25.42
N ILE A 45 -3.64 1.34 24.57
CA ILE A 45 -3.12 -0.02 24.70
C ILE A 45 -1.88 0.05 25.58
N GLN A 46 -1.90 -0.69 26.69
CA GLN A 46 -0.79 -0.68 27.62
C GLN A 46 -0.54 -2.12 28.05
N PRO A 47 0.71 -2.51 28.22
CA PRO A 47 1.01 -3.88 28.64
C PRO A 47 0.85 -4.04 30.15
N GLU A 48 1.00 -5.26 30.62
CA GLU A 48 0.91 -5.59 32.02
C GLU A 48 1.93 -4.81 32.82
N GLU A 49 1.62 -4.51 34.06
CA GLU A 49 2.47 -3.74 34.92
C GLU A 49 3.93 -4.06 34.93
N GLU A 50 4.30 -5.32 35.00
CA GLU A 50 5.68 -5.65 35.07
C GLU A 50 6.40 -5.33 33.75
N LEU A 51 5.93 -5.86 32.64
CA LEU A 51 6.52 -5.55 31.33
C LEU A 51 6.59 -4.04 31.11
N LYS A 52 5.54 -3.35 31.44
CA LYS A 52 5.53 -1.94 31.27
C LYS A 52 6.65 -1.25 32.02
N GLU A 53 6.90 -1.71 33.22
CA GLU A 53 7.96 -1.15 34.05
C GLU A 53 9.31 -1.31 33.38
N ASN A 54 9.56 -2.49 32.78
CA ASN A 54 10.81 -2.75 32.08
C ASN A 54 10.98 -1.82 30.87
N LEU A 55 9.95 -1.75 30.01
CA LEU A 55 9.99 -0.88 28.83
C LEU A 55 10.15 0.59 29.22
N THR A 56 9.53 0.98 30.33
CA THR A 56 9.65 2.36 30.78
C THR A 56 11.06 2.65 31.28
N LYS A 57 11.67 1.69 31.96
CA LYS A 57 13.04 1.85 32.41
C LYS A 57 13.98 1.99 31.21
N VAL A 58 13.69 1.25 30.13
CA VAL A 58 14.51 1.37 28.92
C VAL A 58 14.40 2.76 28.34
N VAL A 59 13.18 3.28 28.25
CA VAL A 59 12.95 4.59 27.63
C VAL A 59 13.58 5.69 28.47
N ASN A 60 13.43 5.61 29.81
CA ASN A 60 13.97 6.63 30.69
C ASN A 60 15.49 6.57 30.77
N TYR A 61 16.12 5.46 30.35
CA TYR A 61 17.57 5.41 30.39
C TYR A 61 18.18 6.49 29.50
N PHE A 62 17.48 6.87 28.43
CA PHE A 62 17.95 7.88 27.49
C PHE A 62 17.76 9.27 28.07
N GLN A 63 18.85 10.01 28.21
CA GLN A 63 18.78 11.37 28.71
C GLN A 63 18.50 12.39 27.63
N ALA A 64 18.82 12.10 26.37
CA ALA A 64 18.35 12.98 25.30
C ALA A 64 16.81 12.97 25.28
N PRO A 65 16.16 14.12 25.08
CA PRO A 65 14.72 14.24 25.32
C PRO A 65 13.89 13.53 24.27
N ILE A 66 13.11 12.54 24.69
CA ILE A 66 12.20 11.81 23.82
C ILE A 66 10.79 12.34 24.06
N ASP A 67 10.19 12.92 23.00
CA ASP A 67 8.81 13.40 23.12
C ASP A 67 7.81 12.25 23.14
N VAL A 68 7.85 11.38 22.13
CA VAL A 68 6.96 10.22 22.07
C VAL A 68 7.82 8.97 21.92
N ALA A 69 7.61 8.00 22.80
CA ALA A 69 8.30 6.71 22.74
C ALA A 69 7.31 5.60 22.37
N VAL A 70 7.65 4.80 21.38
CA VAL A 70 6.78 3.74 20.89
C VAL A 70 7.47 2.40 21.10
N GLY A 71 6.76 1.46 21.73
CA GLY A 71 7.14 0.05 21.70
C GLY A 71 6.25 -0.73 20.78
N TYR A 72 6.83 -1.66 20.03
CA TYR A 72 6.06 -2.48 19.09
C TYR A 72 6.83 -3.77 18.85
N GLY A 73 6.16 -4.73 18.20
CA GLY A 73 6.82 -5.99 17.84
C GLY A 73 6.76 -7.05 18.92
N SER A 74 7.43 -8.17 18.63
CA SER A 74 7.28 -9.39 19.45
C SER A 74 7.77 -9.21 20.88
N GLY A 75 8.77 -8.35 21.10
CA GLY A 75 9.23 -8.11 22.46
C GLY A 75 8.32 -7.21 23.28
N VAL A 76 7.31 -6.63 22.66
CA VAL A 76 6.32 -5.83 23.36
C VAL A 76 4.98 -6.55 23.48
N PHE A 77 4.56 -7.21 22.40
CA PHE A 77 3.33 -8.00 22.35
C PHE A 77 3.71 -9.48 22.45
N ARG A 78 3.79 -10.00 23.67
CA ARG A 78 4.26 -11.36 23.90
C ARG A 78 3.12 -12.37 23.87
N GLN A 79 3.50 -13.65 23.85
CA GLN A 79 2.56 -14.79 23.92
C GLN A 79 1.56 -14.78 22.77
N ASN A 87 13.89 -12.33 26.12
CA ASN A 87 14.90 -12.86 25.21
C ASN A 87 14.96 -12.08 23.90
N PRO A 88 13.84 -12.04 23.20
CA PRO A 88 13.76 -11.33 21.92
C PRO A 88 14.14 -9.87 21.94
N MET A 89 14.69 -9.37 20.86
CA MET A 89 15.04 -7.96 20.77
C MET A 89 13.76 -7.14 20.83
N ILE A 90 13.80 -6.04 21.57
CA ILE A 90 12.65 -5.18 21.76
C ILE A 90 12.76 -3.97 20.84
N ASP A 91 11.69 -3.68 20.09
CA ASP A 91 11.70 -2.62 19.07
C ASP A 91 11.07 -1.34 19.61
N PHE A 92 11.75 -0.21 19.39
CA PHE A 92 11.27 1.10 19.82
C PHE A 92 11.30 2.08 18.67
N ILE A 93 10.45 3.10 18.75
CA ILE A 93 10.61 4.33 17.97
C ILE A 93 10.62 5.50 18.95
N PHE A 94 11.62 6.38 18.81
CA PHE A 94 11.70 7.61 19.57
C PHE A 94 11.38 8.75 18.62
N GLN A 95 10.28 9.44 18.88
CA GLN A 95 9.94 10.66 18.14
C GLN A 95 10.48 11.84 18.94
N VAL A 96 11.36 12.63 18.32
CA VAL A 96 12.09 13.66 19.04
C VAL A 96 11.93 14.99 18.33
N GLU A 97 12.17 16.07 19.07
CA GLU A 97 11.93 17.42 18.56
C GLU A 97 12.91 17.80 17.46
N ASP A 98 14.20 17.66 17.70
CA ASP A 98 15.20 17.89 16.64
C ASP A 98 16.18 16.73 16.61
N PRO A 99 16.11 15.88 15.60
CA PRO A 99 16.95 14.69 15.57
C PRO A 99 18.43 15.00 15.61
N VAL A 100 18.87 16.05 14.91
CA VAL A 100 20.30 16.37 14.87
C VAL A 100 20.81 16.59 16.29
N LYS A 101 20.13 17.42 17.02
CA LYS A 101 20.49 17.68 18.38
C LYS A 101 20.30 16.47 19.24
N TRP A 102 19.26 15.72 18.99
CA TRP A 102 19.01 14.52 19.79
C TRP A 102 20.19 13.57 19.66
N HIS A 103 20.67 13.36 18.43
CA HIS A 103 21.81 12.46 18.25
C HIS A 103 23.10 13.06 18.77
N LYS A 104 23.24 14.38 18.71
CA LYS A 104 24.38 15.02 19.34
C LYS A 104 24.46 14.63 20.81
N ILE A 105 23.36 14.80 21.54
CA ILE A 105 23.35 14.40 22.94
C ILE A 105 23.62 12.90 23.07
N ASN A 106 22.85 12.10 22.33
CA ASN A 106 22.93 10.64 22.49
C ASN A 106 24.30 10.11 22.10
N LEU A 107 24.99 10.77 21.17
CA LEU A 107 26.36 10.37 20.84
C LEU A 107 27.31 10.60 22.01
N GLN A 108 27.07 11.65 22.81
CA GLN A 108 27.89 11.88 24.00
C GLN A 108 27.56 10.88 25.10
N GLN A 109 26.27 10.62 25.35
CA GLN A 109 25.88 9.68 26.41
C GLN A 109 26.11 8.23 26.03
N ASN A 110 25.78 7.83 24.81
CA ASN A 110 25.80 6.43 24.41
C ASN A 110 26.62 6.23 23.13
N PRO A 111 27.91 6.59 23.15
CA PRO A 111 28.69 6.51 21.91
C PRO A 111 28.75 5.13 21.31
N SER A 112 28.77 4.07 22.12
CA SER A 112 28.91 2.75 21.54
C SER A 112 27.60 2.21 20.96
N HIS A 113 26.47 2.91 21.11
CA HIS A 113 25.26 2.47 20.42
C HIS A 113 25.39 2.64 18.92
N TYR A 114 26.26 3.53 18.47
CA TYR A 114 26.38 3.88 17.07
C TYR A 114 27.52 3.10 16.41
N SER A 115 27.32 2.77 15.14
CA SER A 115 28.40 2.27 14.29
C SER A 115 28.27 2.98 12.96
N PHE A 116 29.32 3.69 12.55
CA PHE A 116 29.31 4.42 11.29
C PHE A 116 30.08 3.65 10.22
N VAL A 117 29.70 3.88 8.96
CA VAL A 117 30.53 3.39 7.85
C VAL A 117 31.80 4.21 7.76
N LYS A 118 32.91 3.54 7.49
CA LYS A 118 34.20 4.19 7.33
C LYS A 118 34.40 4.68 5.90
N ASN A 119 35.41 5.53 5.72
CA ASN A 119 35.79 6.04 4.41
C ASN A 119 36.74 5.01 3.79
N PHE A 120 36.20 4.05 3.10
CA PHE A 120 37.03 3.14 2.36
C PHE A 120 36.80 3.61 0.93
N GLY A 121 37.82 4.20 0.33
CA GLY A 121 37.69 4.62 -1.02
C GLY A 121 37.72 6.11 -1.15
N PRO A 122 36.61 6.67 -1.57
CA PRO A 122 36.55 8.11 -1.85
C PRO A 122 35.74 8.95 -0.90
N GLY A 123 34.43 8.91 -1.05
CA GLY A 123 33.55 9.69 -0.21
C GLY A 123 32.48 8.89 0.47
N PHE A 124 31.24 9.38 0.27
CA PHE A 124 29.88 8.97 0.77
C PHE A 124 29.67 9.69 2.08
N VAL A 125 30.46 10.73 2.30
CA VAL A 125 30.44 11.56 3.51
C VAL A 125 29.14 12.32 3.86
N SER A 126 28.46 11.89 4.91
CA SER A 126 27.24 12.55 5.30
C SER A 126 27.40 13.50 6.49
N THR A 127 26.62 14.56 6.48
CA THR A 127 26.66 15.51 7.58
C THR A 127 25.72 15.09 8.71
N LEU A 128 25.65 15.90 9.74
CA LEU A 128 24.77 15.58 10.85
C LEU A 128 23.36 15.61 10.26
N GLN A 129 23.00 16.72 9.62
CA GLN A 129 21.65 16.85 9.10
C GLN A 129 21.25 15.85 8.05
N GLU A 130 22.19 15.49 7.20
CA GLU A 130 21.91 14.56 6.15
C GLU A 130 21.65 13.14 6.63
N SER A 131 22.44 12.63 7.54
CA SER A 131 22.23 11.26 8.00
C SER A 131 21.19 11.16 9.10
N PHE A 132 21.07 12.20 9.94
CA PHE A 132 20.18 12.19 11.08
C PHE A 132 18.89 12.99 10.86
N GLY A 133 18.88 13.91 9.88
CA GLY A 133 17.81 14.89 9.82
C GLY A 133 16.50 14.35 9.29
N THR A 134 16.55 13.33 8.44
CA THR A 134 15.33 12.84 7.79
C THR A 134 15.33 11.32 7.82
N GLY A 135 14.11 10.76 7.90
CA GLY A 135 13.91 9.33 7.94
C GLY A 135 13.95 8.79 9.35
N VAL A 136 14.04 7.47 9.44
CA VAL A 136 14.23 6.77 10.70
C VAL A 136 15.67 6.26 10.75
N TYR A 137 16.40 6.70 11.75
CA TYR A 137 17.76 6.24 12.02
C TYR A 137 17.73 5.18 13.14
N TYR A 138 18.36 4.03 12.89
CA TYR A 138 18.30 2.89 13.81
C TYR A 138 19.67 2.60 14.42
N ASN A 139 19.70 2.40 15.73
CA ASN A 139 20.77 1.71 16.43
C ASN A 139 20.23 0.35 16.88
N THR A 140 20.93 -0.72 16.56
CA THR A 140 20.40 -2.07 16.67
C THR A 140 21.30 -2.94 17.54
N HIS A 141 20.70 -3.98 18.14
CA HIS A 141 21.40 -4.92 19.01
C HIS A 141 22.17 -4.17 20.10
N VAL A 142 21.44 -3.27 20.78
CA VAL A 142 21.99 -2.38 21.80
C VAL A 142 21.51 -2.91 23.16
N GLU A 143 22.40 -3.02 24.13
CA GLU A 143 22.01 -3.46 25.48
C GLU A 143 21.69 -2.30 26.35
N VAL A 144 20.47 -2.26 26.85
CA VAL A 144 19.99 -1.17 27.68
C VAL A 144 19.19 -1.80 28.80
N GLU A 145 19.63 -1.57 30.05
CA GLU A 145 18.95 -2.06 31.25
C GLU A 145 18.61 -3.54 31.15
N GLY A 146 19.62 -4.34 30.78
CA GLY A 146 19.46 -5.78 30.74
C GLY A 146 18.64 -6.31 29.57
N ASN A 147 18.36 -5.47 28.58
CA ASN A 147 17.61 -5.87 27.39
C ASN A 147 18.44 -5.62 26.15
N ILE A 148 18.20 -6.42 25.12
CA ILE A 148 18.71 -6.15 23.78
C ILE A 148 17.63 -5.43 23.02
N ILE A 149 17.95 -4.25 22.51
CA ILE A 149 16.93 -3.39 21.92
C ILE A 149 17.43 -2.87 20.59
N LYS A 150 16.47 -2.47 19.76
CA LYS A 150 16.68 -1.71 18.54
C LYS A 150 15.75 -0.51 18.62
N TYR A 151 16.29 0.70 18.39
CA TYR A 151 15.47 1.88 18.45
C TYR A 151 15.71 2.72 17.21
N GLY A 152 14.62 3.20 16.61
CA GLY A 152 14.67 4.12 15.50
C GLY A 152 14.26 5.52 15.96
N VAL A 153 15.06 6.50 15.57
CA VAL A 153 14.86 7.89 15.94
C VAL A 153 14.33 8.65 14.73
N THR A 154 13.32 9.49 14.96
CA THR A 154 12.71 10.22 13.87
C THR A 154 12.12 11.53 14.37
N SER A 155 11.89 12.44 13.45
CA SER A 155 11.37 13.77 13.76
C SER A 155 9.89 13.69 14.13
N LYS A 156 9.53 14.19 15.32
CA LYS A 156 8.11 14.21 15.70
C LYS A 156 7.29 15.02 14.71
N LYS A 157 7.84 16.08 14.22
CA LYS A 157 7.20 16.90 13.25
C LYS A 157 6.92 16.10 11.98
N ASP A 158 7.87 15.33 11.49
CA ASP A 158 7.67 14.48 10.32
C ASP A 158 6.53 13.49 10.54
N VAL A 159 6.45 12.91 11.74
CA VAL A 159 5.42 11.94 12.06
C VAL A 159 4.05 12.59 12.06
N TYR A 160 3.94 13.75 12.74
CA TYR A 160 2.64 14.40 12.86
C TYR A 160 2.14 14.86 11.50
N GLU A 161 3.01 15.34 10.64
CA GLU A 161 2.60 15.67 9.30
C GLU A 161 2.11 14.45 8.55
N ASP A 162 2.79 13.34 8.68
CA ASP A 162 2.33 12.13 8.00
C ASP A 162 0.98 11.66 8.54
N LEU A 163 0.79 11.71 9.86
CA LEU A 163 -0.47 11.30 10.45
C LEU A 163 -1.61 12.15 9.92
N LYS A 164 -1.35 13.43 9.64
CA LYS A 164 -2.36 14.40 9.23
C LYS A 164 -2.61 14.43 7.72
N ASN A 165 -1.60 14.18 6.90
CA ASN A 165 -1.72 14.35 5.45
C ASN A 165 -1.39 13.11 4.63
N TRP A 166 -0.78 12.07 5.23
CA TRP A 166 -0.29 10.91 4.50
C TRP A 166 0.64 11.29 3.32
N ASN A 167 1.58 12.18 3.57
CA ASN A 167 2.63 12.54 2.60
C ASN A 167 3.22 11.29 1.99
N THR A 168 3.56 10.33 2.80
CA THR A 168 4.03 9.04 2.30
C THR A 168 3.19 7.91 2.87
N MET A 169 2.64 8.13 4.06
CA MET A 169 2.02 7.13 4.90
C MET A 169 3.02 6.13 5.45
N TYR A 170 4.33 6.33 5.23
CA TYR A 170 5.31 5.36 5.74
C TYR A 170 5.32 5.35 7.26
N LEU A 171 5.24 6.52 7.88
CA LEU A 171 5.18 6.59 9.34
C LEU A 171 3.75 6.35 9.82
N ALA A 172 2.76 6.94 9.14
CA ALA A 172 1.37 6.78 9.55
C ALA A 172 0.93 5.33 9.53
N GLY A 173 1.35 4.57 8.51
CA GLY A 173 0.92 3.20 8.38
C GLY A 173 1.28 2.35 9.59
N ARG A 174 2.44 2.62 10.19
CA ARG A 174 2.83 1.88 11.39
C ARG A 174 1.85 2.11 12.53
N PHE A 175 1.23 3.27 12.59
CA PHE A 175 0.31 3.61 13.67
C PHE A 175 -1.14 3.34 13.32
N GLN A 176 -1.38 2.66 12.20
CA GLN A 176 -2.70 2.13 11.94
C GLN A 176 -2.86 0.74 12.51
N LYS A 177 -1.79 0.21 13.11
CA LYS A 177 -1.74 -1.11 13.72
C LYS A 177 -1.32 -0.99 15.17
N PRO A 178 -1.57 -2.01 15.98
CA PRO A 178 -1.32 -1.91 17.42
C PRO A 178 0.11 -1.56 17.76
N VAL A 179 0.28 -0.51 18.57
CA VAL A 179 1.55 -0.17 19.19
C VAL A 179 1.28 0.20 20.64
N VAL A 180 2.36 0.35 21.41
CA VAL A 180 2.28 0.83 22.77
C VAL A 180 2.99 2.17 22.83
N ILE A 181 2.25 3.21 23.20
CA ILE A 181 2.85 4.52 23.45
C ILE A 181 3.30 4.54 24.91
N LEU A 182 4.61 4.49 25.13
CA LEU A 182 5.19 4.46 26.46
C LEU A 182 5.44 5.84 27.03
N LYS A 183 5.31 6.89 26.23
CA LYS A 183 5.55 8.23 26.72
C LYS A 183 5.00 9.22 25.71
N GLY A 184 4.46 10.33 26.20
CA GLY A 184 3.76 11.29 25.36
C GLY A 184 2.43 10.79 24.84
N GLU A 185 1.80 9.87 25.58
CA GLU A 185 0.59 9.17 25.16
C GLU A 185 -0.51 10.14 24.72
N ASP A 186 -0.93 11.02 25.62
CA ASP A 186 -2.11 11.84 25.34
C ASP A 186 -1.87 12.75 24.14
N GLU A 187 -0.66 13.31 24.04
CA GLU A 187 -0.33 14.11 22.87
C GLU A 187 -0.41 13.28 21.59
N PHE A 188 0.14 12.06 21.61
CA PHE A 188 0.20 11.30 20.36
C PHE A 188 -1.18 10.82 19.95
N TYR A 189 -1.95 10.28 20.90
CA TYR A 189 -3.29 9.75 20.59
C TYR A 189 -4.13 10.79 19.87
N LYS A 190 -4.10 12.03 20.35
CA LYS A 190 -4.85 13.09 19.70
C LYS A 190 -4.44 13.22 18.24
N GLU A 191 -3.12 13.22 17.96
CA GLU A 191 -2.66 13.37 16.58
C GLU A 191 -2.97 12.15 15.73
N ASN A 192 -3.19 10.97 16.33
CA ASN A 192 -3.32 9.74 15.60
C ASN A 192 -4.76 9.34 15.32
N SER A 193 -5.76 9.95 16.00
CA SER A 193 -7.12 9.46 15.86
C SER A 193 -7.60 9.58 14.43
N TYR A 194 -7.30 10.70 13.77
CA TYR A 194 -7.70 10.87 12.39
C TYR A 194 -7.00 9.87 11.47
N ASN A 195 -5.77 9.44 11.80
CA ASN A 195 -5.08 8.45 10.98
C ASN A 195 -5.80 7.11 11.05
N LEU A 196 -6.20 6.69 12.26
CA LEU A 196 -6.92 5.43 12.46
C LEU A 196 -8.29 5.44 11.81
N SER A 197 -9.02 6.54 11.93
CA SER A 197 -10.34 6.52 11.31
C SER A 197 -10.22 6.58 9.79
N SER A 198 -9.16 7.22 9.28
CA SER A 198 -8.94 7.21 7.84
C SER A 198 -8.60 5.80 7.33
N ALA A 199 -7.82 5.03 8.09
CA ALA A 199 -7.51 3.67 7.65
C ALA A 199 -8.79 2.81 7.60
N LEU A 200 -9.67 2.94 8.60
CA LEU A 200 -10.96 2.28 8.56
C LEU A 200 -11.73 2.67 7.30
N HIS A 201 -11.76 3.98 6.98
CA HIS A 201 -12.50 4.43 5.81
C HIS A 201 -11.94 3.86 4.52
N VAL A 202 -10.61 3.74 4.43
CA VAL A 202 -10.03 3.05 3.27
C VAL A 202 -10.47 1.60 3.24
N GLY A 203 -10.45 0.92 4.39
CA GLY A 203 -10.99 -0.43 4.44
C GLY A 203 -12.44 -0.50 3.95
N LEU A 204 -13.28 0.43 4.40
CA LEU A 204 -14.68 0.43 3.99
C LEU A 204 -14.80 0.67 2.49
N LEU A 205 -13.93 1.51 1.93
CA LEU A 205 -13.95 1.74 0.49
C LEU A 205 -13.60 0.47 -0.28
N MET A 206 -12.75 -0.39 0.31
CA MET A 206 -12.25 -1.54 -0.41
C MET A 206 -13.16 -2.75 -0.29
N LEU A 207 -13.88 -2.87 0.81
CA LEU A 207 -14.72 -4.03 1.10
C LEU A 207 -16.11 -3.87 0.50
N ALA A 208 -16.74 -5.01 0.19
CA ALA A 208 -18.11 -5.06 -0.32
C ALA A 208 -19.12 -4.73 0.77
N ASP A 209 -20.41 -4.78 0.41
CA ASP A 209 -21.44 -4.42 1.38
C ASP A 209 -21.50 -5.37 2.56
N ARG A 210 -20.99 -6.60 2.42
CA ARG A 210 -20.87 -7.54 3.53
C ARG A 210 -19.42 -7.98 3.68
N PHE A 211 -18.93 -7.94 4.92
CA PHE A 211 -17.55 -8.27 5.24
C PHE A 211 -17.50 -8.70 6.69
N THR A 212 -16.47 -9.48 7.01
CA THR A 212 -16.12 -9.80 8.39
C THR A 212 -15.00 -8.88 8.90
N GLU A 213 -14.89 -8.79 10.22
CA GLU A 213 -13.82 -7.99 10.82
C GLU A 213 -12.45 -8.53 10.41
N PHE A 214 -12.34 -9.85 10.22
CA PHE A 214 -11.09 -10.44 9.73
C PHE A 214 -10.72 -9.88 8.36
N ASP A 215 -11.69 -9.79 7.44
CA ASP A 215 -11.42 -9.15 6.16
C ASP A 215 -10.94 -7.72 6.35
N LEU A 216 -11.54 -6.99 7.29
CA LEU A 216 -11.21 -5.59 7.51
C LEU A 216 -9.76 -5.43 7.99
N TYR A 217 -9.38 -6.15 9.05
CA TYR A 217 -8.04 -5.99 9.61
C TYR A 217 -6.98 -6.45 8.62
N LYS A 218 -7.25 -7.51 7.85
CA LYS A 218 -6.27 -7.93 6.83
C LYS A 218 -6.14 -6.88 5.75
N THR A 219 -7.27 -6.27 5.36
CA THR A 219 -7.21 -5.15 4.42
C THR A 219 -6.39 -4.01 5.00
N ILE A 220 -6.60 -3.67 6.27
CA ILE A 220 -5.90 -2.55 6.87
C ILE A 220 -4.41 -2.83 6.96
N VAL A 221 -4.04 -4.05 7.37
CA VAL A 221 -2.63 -4.43 7.44
C VAL A 221 -2.00 -4.36 6.04
N SER A 222 -2.78 -4.72 5.01
CA SER A 222 -2.25 -4.68 3.65
C SER A 222 -1.81 -3.28 3.26
N LEU A 223 -2.51 -2.26 3.75
CA LEU A 223 -2.23 -0.88 3.35
C LEU A 223 -0.81 -0.45 3.71
N SER A 224 -0.27 -0.97 4.81
CA SER A 224 1.01 -0.52 5.34
C SER A 224 2.11 -1.56 5.20
N TYR A 225 1.83 -2.66 4.52
CA TYR A 225 2.72 -3.82 4.54
C TYR A 225 4.04 -3.50 3.83
N LEU A 226 3.97 -2.89 2.64
CA LEU A 226 5.20 -2.50 1.94
C LEU A 226 5.90 -1.35 2.64
N GLY A 227 5.13 -0.42 3.23
CA GLY A 227 5.73 0.68 3.94
C GLY A 227 6.56 0.23 5.13
N ASP A 228 6.07 -0.77 5.87
CA ASP A 228 6.84 -1.29 7.00
C ASP A 228 8.17 -1.90 6.51
N ILE A 229 8.14 -2.62 5.39
CA ILE A 229 9.37 -3.14 4.80
C ILE A 229 10.30 -2.00 4.41
N ARG A 230 9.76 -0.98 3.74
CA ARG A 230 10.59 0.10 3.21
C ARG A 230 11.31 0.85 4.33
N MET A 231 10.64 1.07 5.47
CA MET A 231 11.18 1.76 6.63
C MET A 231 12.04 0.88 7.52
N SER A 232 12.15 -0.43 7.24
CA SER A 232 12.93 -1.35 8.06
C SER A 232 12.47 -1.34 9.52
N PHE A 233 11.17 -1.21 9.77
CA PHE A 233 10.70 -1.24 11.15
C PHE A 233 11.06 -2.55 11.86
N PHE A 234 11.19 -3.65 11.12
CA PHE A 234 11.51 -4.97 11.68
C PHE A 234 12.77 -5.53 11.03
N ALA A 235 13.70 -6.02 11.86
CA ALA A 235 14.88 -6.67 11.31
C ALA A 235 14.59 -8.09 10.84
N GLU A 236 13.51 -8.68 11.35
CA GLU A 236 13.13 -10.04 10.96
C GLU A 236 12.33 -10.04 9.66
N ASN A 237 12.08 -11.22 9.12
CA ASN A 237 11.33 -11.38 7.88
C ASN A 237 9.90 -10.86 8.05
N PRO A 238 9.31 -10.26 7.02
CA PRO A 238 7.89 -9.90 7.12
C PRO A 238 7.04 -11.15 7.34
N ARG A 239 5.88 -10.93 7.94
CA ARG A 239 5.00 -12.01 8.37
C ARG A 239 3.78 -12.10 7.47
N LYS A 240 3.06 -13.21 7.61
CA LYS A 240 1.84 -13.38 6.83
C LYS A 240 0.74 -12.48 7.39
N VAL A 241 -0.05 -11.90 6.50
CA VAL A 241 -1.03 -10.90 6.92
C VAL A 241 -2.02 -11.49 7.91
N GLU A 242 -2.50 -12.68 7.64
CA GLU A 242 -3.40 -13.37 8.53
C GLU A 242 -2.79 -13.71 9.89
N ASN A 243 -1.53 -14.07 9.95
CA ASN A 243 -0.89 -14.32 11.23
C ASN A 243 -0.77 -13.05 12.03
N ILE A 244 -0.49 -11.94 11.35
CA ILE A 244 -0.40 -10.65 12.00
C ILE A 244 -1.73 -10.33 12.67
N VAL A 245 -2.82 -10.48 11.93
CA VAL A 245 -4.15 -10.16 12.44
C VAL A 245 -4.50 -11.07 13.60
N SER A 246 -4.39 -12.39 13.39
CA SER A 246 -4.87 -13.32 14.39
C SER A 246 -4.05 -13.24 15.66
N LYS A 247 -2.74 -12.98 15.57
CA LYS A 247 -1.97 -12.84 16.80
C LYS A 247 -2.36 -11.59 17.56
N GLN A 248 -2.79 -10.54 16.87
CA GLN A 248 -3.11 -9.30 17.56
C GLN A 248 -4.59 -8.98 17.55
N ILE A 249 -5.44 -10.01 17.42
CA ILE A 249 -6.87 -9.84 17.17
C ILE A 249 -7.51 -8.94 18.22
N ALA A 250 -7.10 -9.09 19.49
CA ALA A 250 -7.74 -8.29 20.54
C ALA A 250 -7.38 -6.82 20.39
N PHE A 251 -6.21 -6.52 19.84
CA PHE A 251 -5.83 -5.12 19.71
C PHE A 251 -6.43 -4.49 18.48
N PHE A 252 -6.57 -5.24 17.38
CA PHE A 252 -7.32 -4.72 16.24
C PHE A 252 -8.77 -4.44 16.62
N ARG A 253 -9.38 -5.34 17.41
CA ARG A 253 -10.75 -5.12 17.86
C ARG A 253 -10.85 -3.85 18.69
N LYS A 254 -9.92 -3.68 19.64
CA LYS A 254 -9.96 -2.52 20.52
C LYS A 254 -9.78 -1.23 19.75
N LEU A 255 -8.97 -1.24 18.70
CA LEU A 255 -8.76 -0.01 17.94
C LEU A 255 -9.97 0.32 17.08
N TYR A 256 -10.54 -0.67 16.41
CA TYR A 256 -11.39 -0.42 15.26
C TYR A 256 -12.87 -0.72 15.47
N LEU A 257 -13.23 -1.65 16.37
CA LEU A 257 -14.65 -1.87 16.64
C LEU A 257 -15.38 -0.62 17.09
N PRO A 258 -14.83 0.21 17.99
CA PRO A 258 -15.51 1.48 18.27
C PRO A 258 -15.64 2.38 17.06
N LEU A 259 -14.64 2.37 16.16
CA LEU A 259 -14.74 3.17 14.95
C LEU A 259 -15.82 2.62 14.03
N LEU A 260 -15.89 1.29 13.93
CA LEU A 260 -16.99 0.69 13.21
C LEU A 260 -18.34 1.08 13.83
N TYR A 261 -18.42 1.00 15.17
CA TYR A 261 -19.65 1.32 15.87
C TYR A 261 -20.08 2.76 15.61
N ALA A 262 -19.11 3.68 15.54
CA ALA A 262 -19.45 5.08 15.29
C ALA A 262 -19.83 5.32 13.83
N GLU A 263 -19.53 4.40 12.94
CA GLU A 263 -19.61 4.70 11.52
C GLU A 263 -21.07 4.61 11.07
N PRO A 264 -21.65 5.68 10.55
CA PRO A 264 -23.02 5.59 10.03
C PRO A 264 -23.08 4.67 8.83
N GLY A 265 -24.16 3.92 8.73
CA GLY A 265 -24.28 2.98 7.65
C GLY A 265 -23.55 1.66 7.81
N VAL A 266 -22.89 1.43 8.95
CA VAL A 266 -22.27 0.14 9.23
C VAL A 266 -23.09 -0.56 10.29
N HIS A 267 -23.48 -1.80 10.01
CA HIS A 267 -24.41 -2.55 10.85
C HIS A 267 -23.70 -3.78 11.40
N PHE A 268 -23.60 -3.87 12.72
CA PHE A 268 -23.16 -5.13 13.34
C PHE A 268 -24.26 -6.17 13.20
N ILE A 269 -23.89 -7.35 12.72
CA ILE A 269 -24.86 -8.38 12.43
C ILE A 269 -25.14 -9.26 13.65
N GLU A 270 -24.09 -9.61 14.40
CA GLU A 270 -24.29 -10.46 15.57
C GLU A 270 -25.09 -9.72 16.63
N SER A 271 -25.80 -10.51 17.43
CA SER A 271 -26.71 -9.99 18.43
C SER A 271 -25.95 -9.51 19.66
N SER A 272 -26.63 -8.67 20.45
CA SER A 272 -26.08 -8.24 21.74
C SER A 272 -25.60 -9.42 22.57
N GLU A 273 -26.25 -10.56 22.44
CA GLU A 273 -25.85 -11.70 23.20
C GLU A 273 -24.50 -12.22 22.80
N VAL A 274 -24.27 -12.34 21.52
CA VAL A 274 -22.96 -12.79 21.03
C VAL A 274 -21.86 -11.84 21.49
N LEU A 275 -22.07 -10.53 21.30
CA LEU A 275 -21.03 -9.56 21.63
C LEU A 275 -20.71 -9.51 23.12
N LYS A 276 -21.61 -9.97 23.97
CA LYS A 276 -21.33 -10.01 25.40
C LYS A 276 -20.70 -11.32 25.82
N SER A 277 -20.79 -12.35 24.99
CA SER A 277 -20.18 -13.64 25.22
C SER A 277 -18.85 -13.79 24.49
N MET A 278 -18.35 -12.74 23.85
CA MET A 278 -17.18 -12.85 23.00
C MET A 278 -15.97 -12.22 23.68
N ASP A 279 -14.96 -13.04 23.92
CA ASP A 279 -13.66 -12.59 24.40
C ASP A 279 -12.88 -11.92 23.27
N PRO A 280 -12.46 -10.66 23.42
CA PRO A 280 -11.69 -10.00 22.34
C PRO A 280 -10.47 -10.79 21.87
N SER A 281 -9.89 -11.64 22.73
CA SER A 281 -8.75 -12.44 22.35
C SER A 281 -9.10 -13.67 21.51
N ASP A 282 -10.38 -13.92 21.25
CA ASP A 282 -10.81 -15.20 20.71
C ASP A 282 -10.88 -15.13 19.18
N ASN A 283 -10.10 -15.97 18.52
CA ASN A 283 -10.02 -16.08 17.07
C ASN A 283 -10.99 -17.08 16.47
N SER A 284 -11.78 -17.78 17.29
CA SER A 284 -12.58 -18.89 16.77
C SER A 284 -13.82 -18.41 16.00
N ARG A 285 -14.31 -17.20 16.27
CA ARG A 285 -15.32 -16.61 15.40
C ARG A 285 -15.09 -15.11 15.26
N TYR A 286 -15.50 -14.59 14.12
CA TYR A 286 -15.27 -13.20 13.73
C TYR A 286 -16.61 -12.53 13.46
N LEU A 287 -16.74 -11.29 13.95
CA LEU A 287 -17.95 -10.51 13.71
C LEU A 287 -18.17 -10.27 12.22
N SER A 288 -19.43 -10.03 11.87
CA SER A 288 -19.85 -9.80 10.49
C SER A 288 -20.62 -8.49 10.43
N PHE A 289 -20.62 -7.87 9.25
CA PHE A 289 -21.10 -6.50 9.08
C PHE A 289 -21.78 -6.33 7.73
N HIS A 290 -22.60 -5.31 7.70
CA HIS A 290 -23.25 -4.82 6.53
C HIS A 290 -22.90 -3.34 6.44
N GLN A 291 -22.50 -2.85 5.31
CA GLN A 291 -22.26 -1.42 5.16
C GLN A 291 -23.01 -0.90 3.95
N ASN A 292 -23.48 0.34 4.08
CA ASN A 292 -23.96 1.15 2.97
C ASN A 292 -22.86 1.37 1.94
N ILE A 293 -23.13 1.02 0.68
CA ILE A 293 -22.15 1.18 -0.38
C ILE A 293 -22.74 2.00 -1.52
N THR A 294 -23.66 2.91 -1.19
CA THR A 294 -24.19 3.83 -2.19
C THR A 294 -23.11 4.81 -2.65
N LYS A 295 -23.35 5.41 -3.79
CA LYS A 295 -22.46 6.36 -4.37
C LYS A 295 -22.18 7.56 -3.47
N ASP A 296 -23.19 8.07 -2.80
CA ASP A 296 -22.96 9.20 -1.90
C ASP A 296 -22.09 8.81 -0.71
N SER A 297 -22.31 7.59 -0.18
CA SER A 297 -21.49 7.12 0.93
C SER A 297 -20.03 6.94 0.51
N ILE A 298 -19.82 6.35 -0.66
CA ILE A 298 -18.45 6.14 -1.13
C ILE A 298 -17.75 7.48 -1.36
N SER A 299 -18.51 8.49 -1.83
CA SER A 299 -17.93 9.80 -2.06
C SER A 299 -17.48 10.45 -0.77
N ARG A 300 -18.26 10.30 0.30
CA ARG A 300 -17.89 10.91 1.56
C ARG A 300 -16.70 10.20 2.18
N LEU A 301 -16.61 8.86 2.03
CA LEU A 301 -15.43 8.16 2.51
C LEU A 301 -14.20 8.64 1.78
N LEU A 302 -14.30 8.75 0.46
CA LEU A 302 -13.16 9.15 -0.35
C LEU A 302 -12.71 10.55 0.01
N ASN A 303 -13.66 11.47 0.10
CA ASN A 303 -13.25 12.87 0.22
C ASN A 303 -12.82 13.23 1.63
N GLY A 304 -13.16 12.40 2.62
CA GLY A 304 -12.61 12.60 3.95
C GLY A 304 -11.20 12.06 4.17
N LEU A 305 -10.54 11.51 3.16
CA LEU A 305 -9.22 10.92 3.33
C LEU A 305 -8.13 12.00 3.49
N PRO A 306 -7.04 11.71 4.21
CA PRO A 306 -5.92 12.67 4.28
C PRO A 306 -5.36 13.05 2.93
N LEU A 307 -5.46 12.14 1.96
CA LEU A 307 -5.02 12.41 0.59
C LEU A 307 -5.86 13.49 -0.10
N ASN A 308 -7.08 13.71 0.36
CA ASN A 308 -8.05 14.52 -0.39
C ASN A 308 -8.51 15.76 0.37
N LEU A 309 -7.79 16.17 1.40
CA LEU A 309 -8.15 17.37 2.14
C LEU A 309 -7.64 18.63 1.45
N VAL A 310 -8.48 19.66 1.44
CA VAL A 310 -8.17 20.94 0.82
C VAL A 310 -8.25 22.07 1.85
N CYS B 27 -9.80 -20.92 -26.05
CA CYS B 27 -9.01 -20.22 -25.04
C CYS B 27 -9.45 -20.67 -23.63
N THR B 28 -8.47 -21.21 -22.89
CA THR B 28 -8.71 -21.86 -21.62
C THR B 28 -7.61 -21.47 -20.64
N VAL B 29 -7.84 -21.80 -19.36
CA VAL B 29 -6.85 -21.48 -18.33
C VAL B 29 -5.55 -22.22 -18.61
N ALA B 30 -5.66 -23.48 -19.06
CA ALA B 30 -4.47 -24.23 -19.42
C ALA B 30 -3.65 -23.51 -20.48
N GLN B 31 -4.29 -22.91 -21.45
CA GLN B 31 -3.56 -22.19 -22.47
C GLN B 31 -2.80 -21.01 -21.89
N LEU B 32 -3.35 -20.43 -20.84
CA LEU B 32 -2.70 -19.29 -20.21
C LEU B 32 -1.37 -19.68 -19.54
N LEU B 33 -1.24 -20.94 -19.09
CA LEU B 33 0.02 -21.34 -18.46
C LEU B 33 1.13 -21.50 -19.49
N LYS B 34 0.77 -21.82 -20.73
CA LYS B 34 1.74 -22.04 -21.80
C LYS B 34 2.24 -20.75 -22.44
N GLN B 35 2.03 -19.59 -21.79
CA GLN B 35 2.41 -18.32 -22.38
C GLN B 35 3.91 -18.11 -22.28
N ASN B 36 4.47 -17.43 -23.28
CA ASN B 36 5.89 -17.18 -23.34
C ASN B 36 6.24 -15.92 -22.54
N LEU B 37 6.69 -16.10 -21.28
CA LEU B 37 7.11 -14.96 -20.47
C LEU B 37 8.26 -14.21 -21.11
N LEU B 38 9.05 -14.87 -21.95
CA LEU B 38 10.23 -14.26 -22.53
C LEU B 38 9.90 -13.29 -23.64
N THR B 39 8.74 -13.41 -24.27
CA THR B 39 8.26 -12.38 -25.18
C THR B 39 7.12 -11.57 -24.57
N PHE B 40 6.94 -11.66 -23.24
CA PHE B 40 5.98 -10.85 -22.47
C PHE B 40 4.54 -11.11 -22.89
N GLU B 41 4.26 -12.34 -23.32
CA GLU B 41 2.94 -12.66 -23.84
C GLU B 41 1.86 -12.45 -22.80
N ASN B 42 2.22 -12.57 -21.52
CA ASN B 42 1.23 -12.35 -20.48
C ASN B 42 0.83 -10.88 -20.36
N GLN B 43 1.66 -9.96 -20.87
CA GLN B 43 1.30 -8.55 -20.86
C GLN B 43 0.56 -8.12 -22.11
N ARG B 44 0.47 -8.98 -23.13
CA ARG B 44 -0.03 -8.55 -24.44
C ARG B 44 -1.56 -8.55 -24.44
N ILE B 45 -2.12 -7.57 -23.74
CA ILE B 45 -3.57 -7.41 -23.63
C ILE B 45 -3.99 -6.34 -24.61
N GLN B 46 -4.78 -6.74 -25.61
CA GLN B 46 -5.21 -5.82 -26.64
C GLN B 46 -6.73 -5.88 -26.77
N PRO B 47 -7.39 -4.74 -26.97
CA PRO B 47 -8.84 -4.75 -27.14
C PRO B 47 -9.23 -5.26 -28.52
N GLU B 48 -10.50 -5.66 -28.65
CA GLU B 48 -10.99 -6.11 -29.95
C GLU B 48 -10.83 -4.99 -30.98
N GLU B 49 -10.58 -5.39 -32.23
CA GLU B 49 -9.96 -4.50 -33.22
C GLU B 49 -10.77 -3.24 -33.50
N GLU B 50 -12.03 -3.29 -33.09
CA GLU B 50 -13.01 -2.21 -33.18
C GLU B 50 -12.50 -1.06 -32.38
N LEU B 51 -12.45 -1.27 -31.09
CA LEU B 51 -12.02 -0.29 -30.14
C LEU B 51 -10.60 0.19 -30.36
N LYS B 52 -9.74 -0.71 -30.74
CA LYS B 52 -8.39 -0.43 -30.95
C LYS B 52 -8.10 0.68 -31.89
N GLU B 53 -8.81 0.76 -33.01
CA GLU B 53 -8.58 1.84 -34.00
C GLU B 53 -9.00 3.15 -33.45
N ASN B 54 -10.13 3.18 -32.80
CA ASN B 54 -10.58 4.41 -32.17
C ASN B 54 -9.54 4.92 -31.18
N LEU B 55 -9.10 4.06 -30.26
CA LEU B 55 -8.07 4.45 -29.30
C LEU B 55 -6.80 4.89 -30.00
N THR B 56 -6.41 4.21 -31.07
CA THR B 56 -5.18 4.59 -31.75
C THR B 56 -5.35 5.87 -32.53
N LYS B 57 -6.56 6.19 -32.99
CA LYS B 57 -6.74 7.49 -33.61
C LYS B 57 -6.66 8.60 -32.56
N VAL B 58 -7.21 8.35 -31.36
CA VAL B 58 -7.05 9.30 -30.26
C VAL B 58 -5.57 9.54 -29.98
N VAL B 59 -4.79 8.46 -29.86
CA VAL B 59 -3.36 8.62 -29.58
C VAL B 59 -2.67 9.39 -30.71
N ASN B 60 -3.03 9.08 -31.95
CA ASN B 60 -2.34 9.68 -33.10
C ASN B 60 -2.76 11.12 -33.34
N TYR B 61 -3.91 11.55 -32.81
CA TYR B 61 -4.34 12.94 -32.91
C TYR B 61 -3.28 13.91 -32.35
N PHE B 62 -2.44 13.44 -31.43
CA PHE B 62 -1.49 14.30 -30.74
C PHE B 62 -0.20 14.41 -31.52
N GLN B 63 0.26 15.65 -31.71
CA GLN B 63 1.50 15.92 -32.43
C GLN B 63 2.69 16.05 -31.50
N ALA B 64 2.46 16.38 -30.24
CA ALA B 64 3.48 16.19 -29.24
C ALA B 64 3.79 14.70 -29.16
N PRO B 65 5.06 14.29 -29.29
CA PRO B 65 5.37 12.86 -29.45
C PRO B 65 5.12 12.09 -28.15
N ILE B 66 4.46 10.96 -28.29
CA ILE B 66 4.14 10.07 -27.17
C ILE B 66 4.94 8.79 -27.36
N ASP B 67 5.91 8.54 -26.47
CA ASP B 67 6.66 7.29 -26.52
C ASP B 67 5.76 6.10 -26.22
N VAL B 68 5.07 6.12 -25.08
CA VAL B 68 4.20 5.01 -24.67
C VAL B 68 2.83 5.56 -24.32
N ALA B 69 1.78 4.95 -24.86
CA ALA B 69 0.42 5.38 -24.58
C ALA B 69 -0.34 4.22 -23.94
N VAL B 70 -1.03 4.51 -22.84
CA VAL B 70 -1.74 3.49 -22.07
C VAL B 70 -3.23 3.80 -22.09
N GLY B 71 -4.04 2.79 -22.32
CA GLY B 71 -5.47 2.87 -22.11
C GLY B 71 -5.80 2.00 -20.92
N TYR B 72 -6.77 2.45 -20.13
CA TYR B 72 -7.21 1.72 -18.96
C TYR B 72 -8.58 2.29 -18.61
N GLY B 73 -9.23 1.66 -17.66
CA GLY B 73 -10.52 2.13 -17.21
C GLY B 73 -11.67 1.57 -18.02
N SER B 74 -12.88 1.92 -17.58
CA SER B 74 -14.09 1.39 -18.17
C SER B 74 -14.28 1.82 -19.63
N GLY B 75 -13.67 2.93 -20.05
CA GLY B 75 -13.69 3.26 -21.46
C GLY B 75 -12.86 2.35 -22.32
N VAL B 76 -12.10 1.43 -21.71
CA VAL B 76 -11.17 0.55 -22.42
C VAL B 76 -11.54 -0.91 -22.23
N PHE B 77 -11.85 -1.30 -21.01
CA PHE B 77 -12.23 -2.65 -20.68
C PHE B 77 -13.77 -2.60 -20.54
N ARG B 78 -14.44 -2.78 -21.65
CA ARG B 78 -15.88 -2.65 -21.73
C ARG B 78 -16.67 -3.90 -21.41
N GLN B 79 -17.65 -3.76 -20.53
CA GLN B 79 -18.51 -4.87 -20.14
C GLN B 79 -19.79 -4.88 -20.96
N ASN B 87 -18.45 7.07 -25.49
CA ASN B 87 -19.48 6.69 -24.53
C ASN B 87 -18.98 7.18 -23.17
N PRO B 88 -18.57 6.30 -22.24
CA PRO B 88 -17.89 6.82 -21.05
C PRO B 88 -16.62 7.54 -21.45
N MET B 89 -16.14 8.39 -20.55
CA MET B 89 -14.84 9.01 -20.76
C MET B 89 -13.76 7.93 -20.80
N ILE B 90 -12.82 8.08 -21.73
CA ILE B 90 -11.76 7.10 -21.93
C ILE B 90 -10.49 7.62 -21.29
N ASP B 91 -9.88 6.79 -20.43
CA ASP B 91 -8.71 7.19 -19.65
C ASP B 91 -7.42 6.79 -20.37
N PHE B 92 -6.47 7.72 -20.45
CA PHE B 92 -5.18 7.46 -21.05
C PHE B 92 -4.05 7.94 -20.15
N ILE B 93 -2.90 7.28 -20.27
CA ILE B 93 -1.63 7.77 -19.75
C ILE B 93 -0.70 7.93 -20.94
N PHE B 94 -0.04 9.08 -21.03
CA PHE B 94 0.97 9.34 -22.05
C PHE B 94 2.32 9.46 -21.36
N GLN B 95 3.21 8.53 -21.65
CA GLN B 95 4.58 8.62 -21.16
C GLN B 95 5.43 9.29 -22.23
N VAL B 96 6.08 10.39 -21.87
CA VAL B 96 6.76 11.22 -22.85
C VAL B 96 8.18 11.47 -22.39
N GLU B 97 9.04 11.76 -23.32
CA GLU B 97 10.43 12.00 -23.06
C GLU B 97 10.74 13.22 -22.24
N ASP B 98 10.03 14.30 -22.45
CA ASP B 98 10.23 15.52 -21.68
C ASP B 98 8.92 16.21 -21.59
N PRO B 99 8.29 16.14 -20.45
CA PRO B 99 6.93 16.67 -20.32
C PRO B 99 6.81 18.17 -20.54
N VAL B 100 7.82 18.96 -20.13
CA VAL B 100 7.72 20.40 -20.32
C VAL B 100 7.72 20.74 -21.81
N LYS B 101 8.65 20.15 -22.57
CA LYS B 101 8.64 20.34 -24.03
C LYS B 101 7.40 19.72 -24.66
N TRP B 102 6.84 18.67 -24.05
CA TRP B 102 5.66 18.05 -24.63
C TRP B 102 4.43 18.93 -24.45
N HIS B 103 4.28 19.53 -23.26
CA HIS B 103 3.16 20.42 -23.01
C HIS B 103 3.27 21.70 -23.83
N LYS B 104 4.49 22.19 -24.05
CA LYS B 104 4.72 23.30 -24.96
C LYS B 104 4.04 23.05 -26.30
N ILE B 105 4.35 21.91 -26.93
CA ILE B 105 3.74 21.57 -28.20
C ILE B 105 2.23 21.38 -28.04
N ASN B 106 1.81 20.74 -26.95
CA ASN B 106 0.38 20.47 -26.78
C ASN B 106 -0.41 21.74 -26.48
N LEU B 107 0.22 22.73 -25.82
CA LEU B 107 -0.44 24.01 -25.60
C LEU B 107 -0.67 24.75 -26.92
N GLN B 108 0.15 24.50 -27.94
CA GLN B 108 -0.07 25.08 -29.26
C GLN B 108 -1.19 24.35 -30.01
N GLN B 109 -1.13 23.02 -30.07
CA GLN B 109 -2.15 22.30 -30.84
C GLN B 109 -3.51 22.34 -30.14
N ASN B 110 -3.54 22.37 -28.82
CA ASN B 110 -4.82 22.20 -28.13
C ASN B 110 -4.91 23.06 -26.88
N PRO B 111 -4.88 24.39 -27.00
CA PRO B 111 -4.86 25.23 -25.79
C PRO B 111 -6.15 25.20 -24.98
N SER B 112 -7.26 24.72 -25.57
CA SER B 112 -8.51 24.61 -24.83
C SER B 112 -8.51 23.43 -23.84
N HIS B 113 -7.59 22.49 -24.01
CA HIS B 113 -7.49 21.34 -23.11
C HIS B 113 -7.08 21.74 -21.70
N TYR B 114 -6.39 22.86 -21.59
CA TYR B 114 -5.95 23.35 -20.31
C TYR B 114 -6.93 24.32 -19.67
N SER B 115 -7.33 24.02 -18.44
CA SER B 115 -8.27 24.85 -17.67
C SER B 115 -7.60 25.91 -16.83
N PHE B 116 -6.35 26.21 -17.11
CA PHE B 116 -5.59 27.18 -16.34
C PHE B 116 -6.02 28.62 -16.41
N VAL B 117 -6.93 29.03 -17.29
CA VAL B 117 -7.37 30.43 -17.40
C VAL B 117 -8.32 31.00 -16.32
N LYS B 118 -8.01 30.71 -15.07
CA LYS B 118 -8.69 31.14 -13.92
C LYS B 118 -7.59 31.77 -13.13
N ASN B 119 -6.38 31.61 -13.60
CA ASN B 119 -5.29 32.26 -12.94
C ASN B 119 -4.52 33.29 -13.76
N VAL B 125 3.15 30.04 -17.75
CA VAL B 125 3.14 30.20 -16.31
C VAL B 125 4.12 29.31 -15.62
N SER B 126 4.89 29.90 -14.73
CA SER B 126 5.88 29.21 -13.95
C SER B 126 5.28 28.03 -13.25
N THR B 127 4.34 28.30 -12.37
CA THR B 127 3.67 27.30 -11.58
C THR B 127 3.09 26.10 -12.34
N LEU B 128 2.50 26.33 -13.49
CA LEU B 128 1.92 25.26 -14.27
C LEU B 128 3.02 24.38 -14.81
N GLN B 129 4.11 24.99 -15.17
CA GLN B 129 5.25 24.34 -15.73
C GLN B 129 5.97 23.50 -14.68
N GLU B 130 5.93 23.91 -13.44
CA GLU B 130 6.60 23.19 -12.39
C GLU B 130 5.84 21.91 -12.19
N SER B 131 4.54 22.01 -12.36
CA SER B 131 3.65 20.89 -12.21
C SER B 131 3.80 19.88 -13.31
N PHE B 132 4.19 20.32 -14.48
CA PHE B 132 4.33 19.46 -15.58
C PHE B 132 5.43 18.44 -15.33
N GLY B 133 6.53 18.91 -14.76
CA GLY B 133 7.69 18.14 -14.44
C GLY B 133 7.50 16.84 -13.71
N THR B 134 6.81 16.89 -12.60
CA THR B 134 6.64 15.71 -11.80
C THR B 134 5.27 15.18 -11.71
N GLY B 135 5.20 13.89 -11.56
CA GLY B 135 3.93 13.23 -11.44
C GLY B 135 3.17 13.15 -12.74
N VAL B 136 1.87 13.12 -12.60
CA VAL B 136 0.99 12.99 -13.75
C VAL B 136 0.17 14.27 -13.84
N TYR B 137 0.22 14.93 -14.98
CA TYR B 137 -0.65 16.06 -15.27
C TYR B 137 -1.78 15.61 -16.18
N TYR B 138 -3.01 15.93 -15.79
CA TYR B 138 -4.20 15.49 -16.51
C TYR B 138 -4.89 16.66 -17.20
N ASN B 139 -5.39 16.38 -18.41
CA ASN B 139 -6.45 17.19 -19.02
C ASN B 139 -7.68 16.28 -19.12
N THR B 140 -8.78 16.71 -18.56
CA THR B 140 -9.96 15.88 -18.49
C THR B 140 -11.18 16.43 -19.18
N HIS B 141 -12.13 15.58 -19.41
CA HIS B 141 -13.39 15.94 -20.08
C HIS B 141 -13.12 16.64 -21.41
N VAL B 142 -12.21 16.05 -22.19
CA VAL B 142 -11.69 16.66 -23.40
C VAL B 142 -12.17 15.86 -24.59
N GLU B 143 -12.64 16.56 -25.61
CA GLU B 143 -13.22 15.93 -26.79
C GLU B 143 -12.11 15.72 -27.82
N VAL B 144 -11.95 14.47 -28.28
CA VAL B 144 -10.93 14.13 -29.25
C VAL B 144 -11.43 13.01 -30.15
N GLU B 145 -11.50 13.27 -31.45
CA GLU B 145 -11.78 12.25 -32.46
C GLU B 145 -13.06 11.48 -32.14
N GLY B 146 -14.08 12.21 -31.70
CA GLY B 146 -15.36 11.63 -31.38
C GLY B 146 -15.53 11.22 -29.93
N ASN B 147 -14.46 11.20 -29.15
CA ASN B 147 -14.52 10.70 -27.78
C ASN B 147 -14.26 11.81 -26.78
N ILE B 148 -14.93 11.69 -25.65
CA ILE B 148 -14.61 12.48 -24.47
C ILE B 148 -13.57 11.71 -23.68
N ILE B 149 -12.38 12.31 -23.49
CA ILE B 149 -11.24 11.58 -22.96
C ILE B 149 -10.64 12.30 -21.77
N LYS B 150 -9.84 11.56 -21.02
CA LYS B 150 -9.00 12.07 -19.95
C LYS B 150 -7.62 11.45 -20.14
N TYR B 151 -6.58 12.28 -20.17
CA TYR B 151 -5.24 11.77 -20.39
C TYR B 151 -4.27 12.40 -19.41
N GLY B 152 -3.39 11.57 -18.85
CA GLY B 152 -2.36 12.02 -17.94
C GLY B 152 -1.00 11.93 -18.61
N VAL B 153 -0.22 12.98 -18.45
CA VAL B 153 1.10 13.08 -19.08
C VAL B 153 2.14 12.93 -17.98
N THR B 154 3.12 12.06 -18.23
CA THR B 154 4.15 11.82 -17.23
C THR B 154 5.46 11.46 -17.94
N SER B 155 6.56 11.73 -17.25
CA SER B 155 7.88 11.42 -17.77
C SER B 155 8.08 9.91 -17.89
N LYS B 156 8.39 9.43 -19.09
CA LYS B 156 8.71 8.02 -19.29
C LYS B 156 9.87 7.58 -18.40
N LYS B 157 10.87 8.40 -18.26
CA LYS B 157 11.96 8.11 -17.40
C LYS B 157 11.48 7.88 -15.96
N ASP B 158 10.62 8.75 -15.45
CA ASP B 158 10.06 8.56 -14.11
C ASP B 158 9.33 7.23 -14.00
N VAL B 159 8.53 6.87 -15.01
CA VAL B 159 7.83 5.58 -14.98
C VAL B 159 8.82 4.44 -14.93
N TYR B 160 9.82 4.45 -15.83
CA TYR B 160 10.71 3.31 -15.93
C TYR B 160 11.50 3.11 -14.66
N GLU B 161 11.98 4.20 -14.06
CA GLU B 161 12.71 4.11 -12.80
C GLU B 161 11.85 3.54 -11.70
N ASP B 162 10.56 3.92 -11.66
CA ASP B 162 9.65 3.38 -10.65
C ASP B 162 9.39 1.89 -10.89
N LEU B 163 9.23 1.48 -12.16
CA LEU B 163 9.03 0.06 -12.47
C LEU B 163 10.19 -0.80 -11.97
N LYS B 164 11.38 -0.27 -11.96
CA LYS B 164 12.56 -0.95 -11.57
C LYS B 164 12.95 -0.90 -10.10
N ASN B 165 12.64 0.19 -9.46
CA ASN B 165 13.10 0.41 -8.10
C ASN B 165 12.00 0.65 -7.08
N TRP B 166 10.74 0.84 -7.51
CA TRP B 166 9.64 1.20 -6.61
C TRP B 166 10.01 2.40 -5.73
N ASN B 167 10.57 3.44 -6.37
CA ASN B 167 10.85 4.70 -5.65
C ASN B 167 9.63 5.18 -4.88
N THR B 168 8.45 5.09 -5.49
CA THR B 168 7.19 5.36 -4.80
C THR B 168 6.19 4.22 -5.02
N MET B 169 6.32 3.51 -6.15
CA MET B 169 5.35 2.55 -6.64
C MET B 169 4.02 3.20 -7.05
N TYR B 170 3.95 4.54 -7.06
CA TYR B 170 2.72 5.20 -7.51
C TYR B 170 2.46 4.91 -8.98
N LEU B 171 3.51 4.90 -9.80
CA LEU B 171 3.32 4.63 -11.21
C LEU B 171 3.36 3.13 -11.47
N ALA B 172 4.26 2.42 -10.78
CA ALA B 172 4.36 0.99 -10.99
C ALA B 172 3.09 0.27 -10.55
N GLY B 173 2.40 0.79 -9.52
CA GLY B 173 1.22 0.12 -9.02
C GLY B 173 0.11 0.05 -10.05
N ARG B 174 -0.04 1.11 -10.86
CA ARG B 174 -1.01 1.12 -11.94
C ARG B 174 -0.77 -0.04 -12.92
N PHE B 175 0.50 -0.39 -13.15
CA PHE B 175 0.86 -1.40 -14.13
C PHE B 175 1.04 -2.79 -13.55
N GLN B 176 0.67 -3.00 -12.28
CA GLN B 176 0.55 -4.33 -11.71
C GLN B 176 -0.82 -4.93 -11.97
N LYS B 177 -1.68 -4.18 -12.64
CA LYS B 177 -3.05 -4.55 -12.94
C LYS B 177 -3.29 -4.40 -14.44
N PRO B 178 -4.32 -5.03 -14.99
CA PRO B 178 -4.56 -4.99 -16.44
C PRO B 178 -4.60 -3.58 -17.01
N VAL B 179 -3.76 -3.34 -18.02
CA VAL B 179 -3.81 -2.12 -18.82
C VAL B 179 -3.76 -2.53 -20.27
N VAL B 180 -4.05 -1.58 -21.16
CA VAL B 180 -3.82 -1.77 -22.58
C VAL B 180 -2.71 -0.83 -22.99
N ILE B 181 -1.66 -1.38 -23.57
CA ILE B 181 -0.56 -0.59 -24.08
C ILE B 181 -0.80 -0.39 -25.58
N LEU B 182 -1.00 0.87 -25.99
CA LEU B 182 -1.46 1.18 -27.34
C LEU B 182 -0.34 1.61 -28.27
N LYS B 183 0.74 2.17 -27.72
CA LYS B 183 1.93 2.55 -28.47
C LYS B 183 3.15 2.30 -27.57
N GLY B 184 4.23 1.80 -28.18
CA GLY B 184 5.44 1.49 -27.44
C GLY B 184 5.43 0.17 -26.68
N GLU B 185 4.70 -0.84 -27.18
CA GLU B 185 4.44 -2.06 -26.43
C GLU B 185 5.72 -2.79 -26.03
N ASP B 186 6.57 -3.13 -27.00
CA ASP B 186 7.69 -4.03 -26.70
C ASP B 186 8.70 -3.37 -25.78
N GLU B 187 8.96 -2.08 -25.99
CA GLU B 187 9.75 -1.30 -25.04
C GLU B 187 9.13 -1.36 -23.64
N PHE B 188 7.82 -1.17 -23.53
CA PHE B 188 7.24 -1.04 -22.19
C PHE B 188 7.08 -2.38 -21.50
N TYR B 189 6.64 -3.41 -22.22
CA TYR B 189 6.45 -4.72 -21.62
C TYR B 189 7.73 -5.18 -20.93
N LYS B 190 8.88 -4.88 -21.53
CA LYS B 190 10.14 -5.37 -21.01
C LYS B 190 10.55 -4.62 -19.75
N GLU B 191 10.21 -3.33 -19.64
CA GLU B 191 10.45 -2.62 -18.40
C GLU B 191 9.51 -3.09 -17.30
N ASN B 192 8.33 -3.58 -17.65
CA ASN B 192 7.30 -3.91 -16.67
C ASN B 192 7.38 -5.32 -16.09
N SER B 193 8.06 -6.28 -16.77
CA SER B 193 7.93 -7.68 -16.37
C SER B 193 8.44 -7.90 -14.94
N TYR B 194 9.54 -7.24 -14.58
CA TYR B 194 10.03 -7.31 -13.21
C TYR B 194 9.05 -6.69 -12.22
N ASN B 195 8.31 -5.67 -12.64
CA ASN B 195 7.28 -5.08 -11.78
C ASN B 195 6.20 -6.10 -11.43
N LEU B 196 5.74 -6.84 -12.44
CA LEU B 196 4.67 -7.83 -12.25
C LEU B 196 5.13 -8.98 -11.37
N SER B 197 6.30 -9.56 -11.66
CA SER B 197 6.67 -10.68 -10.82
C SER B 197 7.02 -10.22 -9.40
N SER B 198 7.45 -8.97 -9.24
CA SER B 198 7.64 -8.41 -7.89
C SER B 198 6.32 -8.29 -7.15
N ALA B 199 5.25 -7.88 -7.85
CA ALA B 199 3.94 -7.79 -7.24
C ALA B 199 3.46 -9.17 -6.79
N LEU B 200 3.69 -10.20 -7.63
CA LEU B 200 3.40 -11.57 -7.20
C LEU B 200 4.19 -11.92 -5.95
N HIS B 201 5.48 -11.56 -5.93
CA HIS B 201 6.32 -11.92 -4.78
C HIS B 201 5.82 -11.26 -3.50
N VAL B 202 5.30 -10.03 -3.59
CA VAL B 202 4.74 -9.41 -2.38
C VAL B 202 3.48 -10.18 -1.94
N GLY B 203 2.63 -10.56 -2.90
CA GLY B 203 1.49 -11.41 -2.58
C GLY B 203 1.87 -12.70 -1.89
N LEU B 204 2.94 -13.36 -2.36
CA LEU B 204 3.38 -14.61 -1.74
C LEU B 204 3.89 -14.38 -0.33
N LEU B 205 4.60 -13.26 -0.12
CA LEU B 205 5.03 -12.91 1.24
C LEU B 205 3.82 -12.73 2.16
N MET B 206 2.75 -12.13 1.64
CA MET B 206 1.60 -11.80 2.48
C MET B 206 0.69 -12.99 2.73
N LEU B 207 0.63 -13.96 1.82
CA LEU B 207 -0.32 -15.07 1.91
C LEU B 207 0.28 -16.30 2.59
N ALA B 208 -0.60 -17.13 3.15
CA ALA B 208 -0.19 -18.35 3.86
C ALA B 208 0.25 -19.42 2.86
N ASP B 209 0.52 -20.63 3.35
CA ASP B 209 0.95 -21.69 2.45
C ASP B 209 -0.16 -22.13 1.50
N ARG B 210 -1.40 -21.94 1.89
CA ARG B 210 -2.51 -22.24 1.03
C ARG B 210 -3.33 -21.01 0.76
N PHE B 211 -3.62 -20.74 -0.49
CA PHE B 211 -4.37 -19.57 -0.88
C PHE B 211 -4.96 -19.83 -2.25
N THR B 212 -6.03 -19.10 -2.57
CA THR B 212 -6.65 -19.17 -3.87
C THR B 212 -6.15 -18.03 -4.76
N GLU B 213 -6.42 -18.15 -6.06
CA GLU B 213 -6.07 -17.07 -6.97
C GLU B 213 -6.88 -15.81 -6.68
N PHE B 214 -8.03 -15.96 -6.04
CA PHE B 214 -8.83 -14.79 -5.66
C PHE B 214 -8.17 -14.03 -4.51
N ASP B 215 -7.73 -14.73 -3.46
CA ASP B 215 -6.93 -14.11 -2.40
C ASP B 215 -5.79 -13.29 -2.98
N LEU B 216 -5.12 -13.84 -4.00
CA LEU B 216 -3.90 -13.27 -4.54
C LEU B 216 -4.17 -12.01 -5.36
N TYR B 217 -5.12 -12.06 -6.31
CA TYR B 217 -5.45 -10.85 -7.07
C TYR B 217 -5.93 -9.72 -6.16
N LYS B 218 -6.77 -10.03 -5.17
CA LYS B 218 -7.25 -9.01 -4.26
C LYS B 218 -6.12 -8.43 -3.44
N THR B 219 -5.16 -9.28 -3.04
CA THR B 219 -3.99 -8.81 -2.30
C THR B 219 -3.17 -7.87 -3.17
N ILE B 220 -2.95 -8.26 -4.42
CA ILE B 220 -2.18 -7.43 -5.33
C ILE B 220 -2.87 -6.09 -5.57
N VAL B 221 -4.19 -6.11 -5.81
CA VAL B 221 -4.94 -4.87 -5.95
C VAL B 221 -4.84 -4.02 -4.69
N SER B 222 -4.78 -4.65 -3.51
CA SER B 222 -4.65 -3.88 -2.28
C SER B 222 -3.37 -3.05 -2.27
N LEU B 223 -2.28 -3.60 -2.80
CA LEU B 223 -0.98 -2.93 -2.77
C LEU B 223 -1.02 -1.56 -3.43
N SER B 224 -1.82 -1.40 -4.48
CA SER B 224 -1.80 -0.19 -5.29
C SER B 224 -3.05 0.66 -5.12
N TYR B 225 -3.96 0.27 -4.23
CA TYR B 225 -5.25 0.94 -4.12
C TYR B 225 -5.10 2.40 -3.70
N LEU B 226 -4.26 2.66 -2.69
CA LEU B 226 -4.10 4.05 -2.27
C LEU B 226 -3.29 4.85 -3.28
N GLY B 227 -2.32 4.22 -3.93
CA GLY B 227 -1.57 4.91 -4.96
C GLY B 227 -2.45 5.37 -6.10
N ASP B 228 -3.43 4.54 -6.49
CA ASP B 228 -4.35 4.93 -7.56
C ASP B 228 -5.19 6.13 -7.15
N ILE B 229 -5.60 6.21 -5.88
CA ILE B 229 -6.31 7.38 -5.39
C ILE B 229 -5.38 8.61 -5.36
N ARG B 230 -4.18 8.45 -4.80
CA ARG B 230 -3.25 9.57 -4.66
C ARG B 230 -2.90 10.18 -6.01
N MET B 231 -2.70 9.35 -7.03
CA MET B 231 -2.38 9.83 -8.36
C MET B 231 -3.60 10.19 -9.19
N SER B 232 -4.80 10.05 -8.63
CA SER B 232 -6.04 10.39 -9.34
C SER B 232 -6.09 9.77 -10.75
N PHE B 233 -5.74 8.49 -10.84
CA PHE B 233 -5.85 7.80 -12.13
C PHE B 233 -7.28 7.78 -12.63
N PHE B 234 -8.25 7.69 -11.71
CA PHE B 234 -9.66 7.59 -12.04
C PHE B 234 -10.40 8.85 -11.58
N ALA B 235 -11.28 9.36 -12.45
CA ALA B 235 -12.14 10.48 -12.07
C ALA B 235 -13.31 10.03 -11.20
N GLU B 236 -13.74 8.78 -11.33
CA GLU B 236 -14.88 8.28 -10.59
C GLU B 236 -14.43 7.74 -9.23
N ASN B 237 -15.41 7.50 -8.37
CA ASN B 237 -15.18 6.89 -7.07
C ASN B 237 -14.38 5.60 -7.19
N PRO B 238 -13.53 5.28 -6.21
CA PRO B 238 -12.86 3.98 -6.22
C PRO B 238 -13.87 2.84 -6.08
N ARG B 239 -13.54 1.72 -6.71
CA ARG B 239 -14.38 0.52 -6.69
C ARG B 239 -13.93 -0.42 -5.59
N LYS B 240 -14.73 -1.46 -5.39
CA LYS B 240 -14.44 -2.47 -4.37
C LYS B 240 -13.40 -3.42 -4.92
N VAL B 241 -12.48 -3.87 -4.07
CA VAL B 241 -11.38 -4.69 -4.54
C VAL B 241 -11.90 -5.94 -5.21
N GLU B 242 -12.88 -6.61 -4.58
CA GLU B 242 -13.39 -7.85 -5.15
C GLU B 242 -14.12 -7.63 -6.47
N ASN B 243 -14.77 -6.46 -6.67
CA ASN B 243 -15.42 -6.20 -7.96
C ASN B 243 -14.38 -5.90 -9.04
N ILE B 244 -13.31 -5.20 -8.68
CA ILE B 244 -12.21 -4.99 -9.62
C ILE B 244 -11.68 -6.33 -10.13
N VAL B 245 -11.43 -7.25 -9.20
CA VAL B 245 -10.85 -8.53 -9.58
C VAL B 245 -11.82 -9.34 -10.42
N SER B 246 -13.04 -9.55 -9.91
CA SER B 246 -13.99 -10.41 -10.62
C SER B 246 -14.28 -9.86 -12.00
N LYS B 247 -14.43 -8.54 -12.13
CA LYS B 247 -14.67 -7.97 -13.46
C LYS B 247 -13.53 -8.30 -14.41
N GLN B 248 -12.29 -8.20 -13.96
CA GLN B 248 -11.15 -8.37 -14.85
C GLN B 248 -10.40 -9.68 -14.61
N ILE B 249 -11.13 -10.72 -14.19
CA ILE B 249 -10.54 -11.99 -13.77
C ILE B 249 -9.76 -12.65 -14.90
N ALA B 250 -10.18 -12.45 -16.15
CA ALA B 250 -9.47 -13.05 -17.26
C ALA B 250 -8.11 -12.38 -17.48
N PHE B 251 -8.00 -11.11 -17.11
CA PHE B 251 -6.76 -10.40 -17.37
C PHE B 251 -5.77 -10.55 -16.23
N PHE B 252 -6.26 -10.59 -15.00
CA PHE B 252 -5.41 -11.00 -13.89
C PHE B 252 -4.87 -12.41 -14.13
N ARG B 253 -5.73 -13.32 -14.63
CA ARG B 253 -5.27 -14.67 -14.91
C ARG B 253 -4.20 -14.67 -16.00
N LYS B 254 -4.44 -13.92 -17.08
CA LYS B 254 -3.45 -13.87 -18.16
C LYS B 254 -2.13 -13.29 -17.67
N LEU B 255 -2.18 -12.28 -16.79
CA LEU B 255 -0.95 -11.68 -16.28
C LEU B 255 -0.22 -12.64 -15.35
N TYR B 256 -0.92 -13.20 -14.36
CA TYR B 256 -0.25 -13.77 -13.20
C TYR B 256 -0.18 -15.29 -13.20
N LEU B 257 -1.13 -15.98 -13.84
CA LEU B 257 -1.08 -17.45 -13.85
C LEU B 257 0.22 -18.02 -14.41
N PRO B 258 0.80 -17.50 -15.51
CA PRO B 258 2.09 -18.03 -15.95
C PRO B 258 3.22 -17.69 -15.01
N LEU B 259 3.13 -16.56 -14.28
CA LEU B 259 4.16 -16.25 -13.30
C LEU B 259 4.11 -17.20 -12.12
N LEU B 260 2.92 -17.47 -11.61
CA LEU B 260 2.75 -18.50 -10.59
C LEU B 260 3.32 -19.83 -11.05
N TYR B 261 3.10 -20.17 -12.29
CA TYR B 261 3.57 -21.37 -12.85
C TYR B 261 5.06 -21.50 -12.79
N ALA B 262 5.76 -20.49 -13.24
CA ALA B 262 7.22 -20.45 -13.23
C ALA B 262 7.79 -20.25 -11.84
N GLU B 263 6.96 -19.94 -10.84
CA GLU B 263 7.50 -19.60 -9.52
C GLU B 263 7.98 -20.86 -8.81
N PRO B 264 9.22 -20.90 -8.33
CA PRO B 264 9.67 -22.03 -7.51
C PRO B 264 8.92 -22.07 -6.18
N GLY B 265 8.61 -23.27 -5.76
CA GLY B 265 7.95 -23.46 -4.49
C GLY B 265 6.44 -23.30 -4.53
N VAL B 266 5.89 -22.82 -5.62
CA VAL B 266 4.45 -22.65 -5.79
C VAL B 266 3.95 -23.71 -6.78
N HIS B 267 2.84 -24.34 -6.46
CA HIS B 267 2.25 -25.20 -7.49
C HIS B 267 0.73 -25.22 -7.39
N PHE B 268 0.12 -25.46 -8.54
CA PHE B 268 -1.33 -25.51 -8.66
C PHE B 268 -1.90 -26.75 -7.96
N ILE B 269 -3.04 -26.57 -7.30
CA ILE B 269 -3.68 -27.69 -6.63
C ILE B 269 -4.62 -28.44 -7.55
N GLU B 270 -5.23 -27.77 -8.53
CA GLU B 270 -6.16 -28.40 -9.44
C GLU B 270 -5.40 -29.13 -10.56
N SER B 271 -5.98 -30.24 -11.00
CA SER B 271 -5.35 -31.12 -11.96
C SER B 271 -5.37 -30.53 -13.37
N SER B 272 -4.57 -31.13 -14.26
CA SER B 272 -4.52 -30.69 -15.65
C SER B 272 -5.90 -30.66 -16.30
N GLU B 273 -6.80 -31.53 -15.86
CA GLU B 273 -8.09 -31.66 -16.53
C GLU B 273 -9.02 -30.51 -16.18
N VAL B 274 -9.04 -30.09 -14.90
CA VAL B 274 -9.82 -28.93 -14.49
C VAL B 274 -9.36 -27.67 -15.22
N LEU B 275 -8.04 -27.52 -15.37
CA LEU B 275 -7.51 -26.33 -16.03
C LEU B 275 -7.81 -26.31 -17.52
N LYS B 276 -8.33 -27.40 -18.07
CA LYS B 276 -8.68 -27.42 -19.46
C LYS B 276 -10.15 -27.08 -19.57
N SER B 277 -10.89 -27.31 -18.50
CA SER B 277 -12.33 -27.10 -18.47
C SER B 277 -12.72 -25.69 -18.01
N MET B 278 -11.76 -24.81 -17.76
CA MET B 278 -12.02 -23.52 -17.16
C MET B 278 -11.88 -22.43 -18.22
N ASP B 279 -12.96 -21.66 -18.43
CA ASP B 279 -12.81 -20.44 -19.23
C ASP B 279 -12.22 -19.34 -18.34
N PRO B 280 -11.22 -18.61 -18.83
CA PRO B 280 -10.58 -17.57 -18.01
C PRO B 280 -11.51 -16.53 -17.41
N SER B 281 -12.69 -16.32 -18.02
CA SER B 281 -13.66 -15.35 -17.52
C SER B 281 -14.58 -15.91 -16.44
N ASP B 282 -14.46 -17.20 -16.13
CA ASP B 282 -15.38 -17.86 -15.22
C ASP B 282 -15.02 -17.52 -13.77
N ASN B 283 -15.84 -16.69 -13.12
CA ASN B 283 -15.71 -16.33 -11.72
C ASN B 283 -16.36 -17.31 -10.77
N SER B 284 -16.92 -18.42 -11.28
CA SER B 284 -17.64 -19.33 -10.40
C SER B 284 -16.72 -20.32 -9.72
N ARG B 285 -15.47 -20.45 -10.21
CA ARG B 285 -14.47 -21.32 -9.61
C ARG B 285 -13.12 -20.63 -9.65
N TYR B 286 -12.38 -20.70 -8.53
CA TYR B 286 -11.07 -20.08 -8.44
C TYR B 286 -10.02 -21.14 -8.11
N LEU B 287 -8.88 -21.07 -8.78
CA LEU B 287 -7.80 -22.01 -8.55
C LEU B 287 -7.22 -21.87 -7.14
N SER B 288 -6.49 -22.90 -6.72
CA SER B 288 -5.88 -22.99 -5.41
C SER B 288 -4.40 -23.31 -5.59
N PHE B 289 -3.61 -22.95 -4.57
CA PHE B 289 -2.16 -23.05 -4.67
C PHE B 289 -1.57 -23.45 -3.33
N HIS B 290 -0.42 -24.11 -3.41
CA HIS B 290 0.38 -24.44 -2.25
C HIS B 290 1.77 -23.86 -2.49
N GLN B 291 2.28 -23.08 -1.54
CA GLN B 291 3.63 -22.55 -1.65
C GLN B 291 4.43 -23.01 -0.43
N ASN B 292 5.71 -23.23 -0.66
CA ASN B 292 6.67 -23.38 0.42
C ASN B 292 6.73 -22.08 1.23
N ILE B 293 6.70 -22.18 2.56
CA ILE B 293 6.77 -21.01 3.43
C ILE B 293 7.93 -21.08 4.41
N THR B 294 9.00 -21.81 4.10
CA THR B 294 10.15 -21.85 4.99
C THR B 294 10.83 -20.48 5.08
N LYS B 295 11.64 -20.31 6.14
CA LYS B 295 12.30 -19.03 6.35
C LYS B 295 13.18 -18.64 5.18
N ASP B 296 13.89 -19.59 4.58
CA ASP B 296 14.74 -19.25 3.44
C ASP B 296 13.91 -18.86 2.22
N SER B 297 12.78 -19.52 2.00
CA SER B 297 11.94 -19.14 0.88
C SER B 297 11.45 -17.71 1.04
N ILE B 298 11.07 -17.36 2.26
CA ILE B 298 10.57 -16.02 2.55
C ILE B 298 11.69 -15.00 2.40
N SER B 299 12.90 -15.33 2.87
CA SER B 299 14.03 -14.40 2.75
C SER B 299 14.41 -14.17 1.30
N ARG B 300 14.36 -15.22 0.47
CA ARG B 300 14.58 -15.04 -0.96
C ARG B 300 13.55 -14.09 -1.59
N LEU B 301 12.29 -14.19 -1.19
CA LEU B 301 11.29 -13.28 -1.76
C LEU B 301 11.55 -11.84 -1.33
N LEU B 302 11.93 -11.65 -0.07
CA LEU B 302 12.24 -10.32 0.43
C LEU B 302 13.46 -9.72 -0.28
N ASN B 303 14.53 -10.51 -0.46
CA ASN B 303 15.75 -9.97 -1.06
C ASN B 303 15.58 -9.59 -2.54
N GLY B 304 14.63 -10.19 -3.24
CA GLY B 304 14.46 -9.82 -4.62
C GLY B 304 13.48 -8.69 -4.90
N LEU B 305 12.92 -8.05 -3.88
CA LEU B 305 11.95 -6.97 -4.15
C LEU B 305 12.66 -5.72 -4.69
N PRO B 306 11.98 -4.94 -5.52
CA PRO B 306 12.60 -3.69 -6.04
C PRO B 306 13.04 -2.72 -4.95
N LEU B 307 12.47 -2.80 -3.74
CA LEU B 307 12.81 -1.89 -2.64
C LEU B 307 14.27 -2.03 -2.19
N ASN B 308 14.91 -3.17 -2.41
CA ASN B 308 16.31 -3.34 -2.01
C ASN B 308 17.23 -2.43 -2.83
N LEU B 309 18.13 -1.73 -2.14
CA LEU B 309 19.06 -0.85 -2.84
C LEU B 309 20.12 -1.63 -3.59
N VAL B 310 20.43 -2.85 -3.16
CA VAL B 310 21.31 -3.72 -3.93
C VAL B 310 20.51 -4.52 -4.97
C1 3G0 C . 3.18 -6.77 13.30
N1 3G0 C . 3.12 -6.17 12.24
C2 3G0 C . 3.19 -9.53 14.33
PT 3G0 C . 3.43 -7.73 15.04
N2 3G0 C . 2.95 -10.66 14.02
C3 3G0 C . 4.12 -8.67 16.61
N3 3G0 C . 4.62 -9.26 17.51
C4 3G0 C . 3.67 -5.92 15.82
N4 3G0 C . 3.83 -4.78 16.27
C1 3G0 D . 29.96 17.05 26.51
N1 3G0 D . 30.93 16.80 27.19
C2 3G0 D . 29.21 17.05 23.77
PT 3G0 D . 28.35 17.51 25.46
N2 3G0 D . 29.74 16.82 22.71
C3 3G0 D . 26.69 17.80 24.44
N3 3G0 D . 25.68 17.94 23.79
C4 3G0 D . 27.57 18.28 27.11
N4 3G0 D . 27.13 18.80 28.11
PT PT E . 23.93 20.80 16.97
PT PT F . 23.90 20.13 21.78
PT PT G . 18.92 22.79 17.57
PT PT H . -8.38 -6.41 25.92
PT PT I . -9.51 -11.41 27.08
C1 3G0 J . -12.05 -1.04 -15.19
N1 3G0 J . -12.86 -0.90 -16.03
C2 3G0 J . -12.36 -1.88 -12.71
PT 3G0 J . -10.78 -1.24 -13.71
N2 3G0 J . -13.35 -2.31 -12.18
C3 3G0 J . -9.57 -1.07 -12.14
N3 3G0 J . -8.79 -0.91 -11.22
C4 3G0 J . -9.32 -0.58 -14.83
N4 3G0 J . -8.42 -0.16 -15.53
PT PT K . -5.22 24.93 -11.93
PT PT L . 1.15 -29.59 -2.12
#